data_2Z2H
#
_entry.id   2Z2H
#
_cell.length_a   1.000
_cell.length_b   1.000
_cell.length_c   1.000
_cell.angle_alpha   90.00
_cell.angle_beta   90.00
_cell.angle_gamma   90.00
#
_symmetry.space_group_name_H-M   'P 1'
#
loop_
_entity.id
_entity.type
_entity.pdbx_description
1 polymer "DNA (5'-D(*DCP*DTP*DCP*DGP*DGP*DCP*DGP*DCP*DCP*DAP*DTP*DC)-3')"
2 polymer "DNA (5'-D(*DGP*DAP*DTP*DGP*DGP*DCP*DGP*DCP*DCP*DGP*DAP*DG)-3')"
3 non-polymer 3-METHYL-3H-IMIDAZO[4,5-F]QUINOLIN-2-AMINE
#
loop_
_entity_poly.entity_id
_entity_poly.type
_entity_poly.pdbx_seq_one_letter_code
_entity_poly.pdbx_strand_id
1 'polydeoxyribonucleotide' (DC)(DT)(DC)(DG)(DG)(DC)(DG)(DC)(DC)(DA)(DT)(DC) A
2 'polydeoxyribonucleotide' (DG)(DA)(DT)(DG)(DG)(DC)(DG)(DC)(DC)(DG)(DA)(DG) B
#
loop_
_chem_comp.id
_chem_comp.type
_chem_comp.name
_chem_comp.formula
DA DNA linking 2'-DEOXYADENOSINE-5'-MONOPHOSPHATE 'C10 H14 N5 O6 P'
DC DNA linking 2'-DEOXYCYTIDINE-5'-MONOPHOSPHATE 'C9 H14 N3 O7 P'
DG DNA linking 2'-DEOXYGUANOSINE-5'-MONOPHOSPHATE 'C10 H14 N5 O7 P'
DT DNA linking THYMIDINE-5'-MONOPHOSPHATE 'C10 H15 N2 O8 P'
GIQ non-polymer 3-METHYL-3H-IMIDAZO[4,5-F]QUINOLIN-2-AMINE 'C11 H10 N4'
#
# COMPACT_ATOMS: atom_id res chain seq x y z
N3A GIQ C . -1.94 -0.96 0.55
C3A GIQ C . -0.77 -0.79 -0.01
C1A GIQ C . -0.32 0.42 0.42
N1A GIQ C . -1.28 1.04 1.24
C GIQ C . -2.59 -2.16 0.42
C4A GIQ C . -0.07 -1.64 -0.85
C5A GIQ C . 1.13 -1.26 -1.23
C6A GIQ C . 1.70 -0.03 -0.81
C10 GIQ C . 0.94 0.83 0.03
N6A GIQ C . 2.98 0.26 -1.19
C7A GIQ C . 3.51 1.37 -0.71
C8A GIQ C . 2.78 2.29 0.09
C9A GIQ C . 1.50 2.00 0.43
N10 GIQ C . -3.53 -0.09 1.86
C2A GIQ C . -2.25 0.15 1.30
H1 GIQ C . -3.18 -2.33 1.31
H2 GIQ C . -1.80 -2.94 0.36
H3 GIQ C . -3.18 -2.16 -0.47
H4A GIQ C . -0.48 -2.59 -1.15
H5A GIQ C . 1.66 -1.85 -1.91
H7A GIQ C . 4.52 1.60 -1.02
H8A GIQ C . 3.31 3.10 0.58
H9A GIQ C . 0.85 2.72 0.92
H101 GIQ C . -4.00 -0.90 1.46
N3A GIQ C . -1.82 -0.84 0.50
C3A GIQ C . -0.66 -0.61 -0.08
C1A GIQ C . -0.25 0.60 0.36
N1A GIQ C . -1.22 1.18 1.20
C GIQ C . -2.41 -2.08 0.37
C4A GIQ C . 0.07 -1.43 -0.92
C5A GIQ C . 1.25 -0.99 -1.33
C6A GIQ C . 1.77 0.25 -0.90
C10 GIQ C . 1.00 1.07 -0.04
N6A GIQ C . 3.03 0.59 -1.30
C7A GIQ C . 3.51 1.72 -0.81
C8A GIQ C . 2.76 2.60 0.01
C9A GIQ C . 1.49 2.26 0.36
N10 GIQ C . -3.41 -0.05 1.83
C2A GIQ C . -2.15 0.24 1.27
H1 GIQ C . -1.59 -2.81 0.28
H2 GIQ C . -3.02 -2.08 -0.52
H3 GIQ C . -2.98 -2.27 1.26
H4A GIQ C . -0.32 -2.40 -1.24
H5A GIQ C . 1.79 -1.56 -2.01
H7A GIQ C . 4.52 2.00 -1.13
H8A GIQ C . 3.26 3.43 0.51
H9A GIQ C . 0.83 2.94 0.87
H101 GIQ C . -3.86 -0.88 1.43
N3A GIQ C . -1.90 -0.66 0.39
C3A GIQ C . -0.74 -0.42 -0.17
C1A GIQ C . -0.33 0.78 0.31
N1A GIQ C . -1.30 1.33 1.18
C GIQ C . -2.50 -1.90 0.22
C4A GIQ C . -0.02 -1.20 -1.05
C5A GIQ C . 1.16 -0.75 -1.44
C6A GIQ C . 1.70 0.47 -0.96
C10 GIQ C . 0.92 1.26 -0.07
N6A GIQ C . 2.95 0.83 -1.35
C7A GIQ C . 3.43 1.93 -0.82
C8A GIQ C . 2.69 2.79 0.04
C9A GIQ C . 1.42 2.43 0.37
N10 GIQ C . -3.49 0.08 1.76
C2A GIQ C . -2.23 0.39 1.20
H1 GIQ C . -3.12 -1.85 -0.65
H2 GIQ C . -3.04 -2.13 1.12
H3 GIQ C . -1.68 -2.62 0.09
H4A GIQ C . -0.40 -2.15 -1.40
H5A GIQ C . 1.71 -1.28 -2.14
H7A GIQ C . 4.43 2.23 -1.13
H8A GIQ C . 3.19 3.60 0.56
H9A GIQ C . 0.75 3.10 0.91
H101 GIQ C . -3.93 -0.74 1.36
N3A GIQ C . -1.87 -0.90 0.47
C3A GIQ C . -0.70 -0.69 -0.09
C1A GIQ C . -0.27 0.51 0.35
N1A GIQ C . -1.24 1.10 1.18
C GIQ C . -2.49 -2.12 0.35
C4A GIQ C . 0.00 -1.52 -0.94
C5A GIQ C . 1.20 -1.11 -1.33
C6A GIQ C . 1.75 0.11 -0.90
C10 GIQ C . 0.98 0.96 -0.05
N6A GIQ C . 3.02 0.43 -1.29
C7A GIQ C . 3.52 1.55 -0.80
C8A GIQ C . 2.79 2.45 0.01
C9A GIQ C . 1.51 2.13 0.35
N10 GIQ C . -3.47 -0.08 1.80
C2A GIQ C . -2.18 0.19 1.23
H1 GIQ C . -3.07 -2.30 1.23
H2 GIQ C . -1.68 -2.88 0.26
H3 GIQ C . -3.09 -2.11 -0.55
H4A GIQ C . -0.39 -2.49 -1.26
H5A GIQ C . 1.74 -1.69 -2.02
H7A GIQ C . 4.53 1.80 -1.11
H8A GIQ C . 3.31 3.26 0.51
H9A GIQ C . 0.85 2.83 0.86
H101 GIQ C . -3.93 -0.88 1.39
N3A GIQ C . -1.89 -0.91 0.49
C3A GIQ C . -0.74 -0.68 -0.07
C1A GIQ C . -0.33 0.52 0.37
N1A GIQ C . -1.30 1.10 1.21
C GIQ C . -2.50 -2.14 0.35
C4A GIQ C . -0.02 -1.49 -0.93
C5A GIQ C . 1.17 -1.06 -1.33
C6A GIQ C . 1.69 0.17 -0.88
C10 GIQ C . 0.92 0.99 -0.02
N6A GIQ C . 2.96 0.52 -1.28
C7A GIQ C . 3.44 1.64 -0.77
C8A GIQ C . 2.70 2.51 0.04
C9A GIQ C . 1.43 2.18 0.39
N10 GIQ C . -3.50 -0.12 1.83
C2A GIQ C . -2.23 0.17 1.26
H1 GIQ C . -3.11 -2.13 -0.53
H2 GIQ C . -3.07 -2.35 1.25
H3 GIQ C . -1.68 -2.88 0.25
H4A GIQ C . -0.40 -2.46 -1.25
H5A GIQ C . 1.72 -1.61 -2.02
H7A GIQ C . 4.45 1.92 -1.08
H8A GIQ C . 3.19 3.34 0.55
H9A GIQ C . 0.75 2.86 0.90
H101 GIQ C . -3.94 -0.94 1.43
N3A GIQ C . -1.89 -0.73 0.43
C3A GIQ C . -0.73 -0.49 -0.11
C1A GIQ C . -0.32 0.70 0.36
N1A GIQ C . -1.28 1.26 1.21
C GIQ C . -2.50 -1.95 0.27
C4A GIQ C . -0.02 -1.29 -0.99
C5A GIQ C . 1.17 -0.84 -1.37
C6A GIQ C . 1.71 0.37 -0.90
C10 GIQ C . 0.93 1.18 -0.02
N6A GIQ C . 2.98 0.73 -1.28
C7A GIQ C . 3.46 1.82 -0.75
C8A GIQ C . 2.72 2.68 0.09
C9A GIQ C . 1.44 2.35 0.42
N10 GIQ C . -3.49 0.03 1.79
C2A GIQ C . -2.23 0.33 1.23
H1 GIQ C . -1.68 -2.69 0.16
H2 GIQ C . -3.11 -1.93 -0.61
H3 GIQ C . -3.06 -2.17 1.16
H4A GIQ C . -0.40 -2.24 -1.34
H5A GIQ C . 1.73 -1.39 -2.08
H7A GIQ C . 4.47 2.10 -1.06
H8A GIQ C . 3.22 3.49 0.61
H9A GIQ C . 0.77 3.02 0.95
H101 GIQ C . -3.94 -0.78 1.37
N3A GIQ C . -1.87 -0.86 0.49
C3A GIQ C . -0.71 -0.65 -0.07
C1A GIQ C . -0.29 0.56 0.36
N1A GIQ C . -1.26 1.14 1.21
C GIQ C . -2.49 -2.09 0.35
C4A GIQ C . 0.00 -1.47 -0.92
C5A GIQ C . 1.20 -1.04 -1.33
C6A GIQ C . 1.74 0.19 -0.88
C10 GIQ C . 0.96 1.01 -0.02
N6A GIQ C . 3.00 0.52 -1.27
C7A GIQ C . 3.49 1.64 -0.77
C8A GIQ C . 2.76 2.52 0.04
C9A GIQ C . 1.47 2.20 0.38
N10 GIQ C . -3.47 -0.07 1.83
C2A GIQ C . -2.20 0.22 1.25
H1 GIQ C . -1.67 -2.83 0.28
H2 GIQ C . -3.07 -2.09 -0.54
H3 GIQ C . -3.07 -2.28 1.24
H4A GIQ C . -0.39 -2.43 -1.24
H5A GIQ C . 1.75 -1.60 -2.00
H7A GIQ C . 4.50 1.90 -1.09
H8A GIQ C . 3.26 3.35 0.54
H9A GIQ C . 0.81 2.89 0.89
H101 GIQ C . -3.93 -0.86 1.41
N3A GIQ C . -1.89 -0.89 0.44
C3A GIQ C . -0.72 -0.68 -0.12
C1A GIQ C . -0.30 0.52 0.32
N1A GIQ C . -1.26 1.11 1.17
C GIQ C . -2.50 -2.12 0.31
C4A GIQ C . -0.03 -1.50 -0.99
C5A GIQ C . 1.16 -1.07 -1.38
C6A GIQ C . 1.72 0.15 -0.93
C10 GIQ C . 0.95 0.99 -0.07
N6A GIQ C . 2.98 0.49 -1.33
C7A GIQ C . 3.48 1.60 -0.83
C8A GIQ C . 2.74 2.47 -0.01
C9A GIQ C . 1.47 2.16 0.34
N10 GIQ C . -3.48 -0.09 1.79
C2A GIQ C . -2.21 0.19 1.22
H1 GIQ C . -3.08 -2.31 1.20
H2 GIQ C . -1.70 -2.87 0.21
H3 GIQ C . -3.11 -2.10 -0.58
H4A GIQ C . -0.41 -2.46 -1.31
H5A GIQ C . 1.72 -1.63 -2.07
H7A GIQ C . 4.48 1.87 -1.15
H8A GIQ C . 3.26 3.30 0.50
H9A GIQ C . 0.82 2.84 0.86
H101 GIQ C . -3.93 -0.90 1.38
N3A GIQ C . -1.99 -0.85 0.48
C3A GIQ C . -0.82 -0.66 -0.07
C1A GIQ C . -0.37 0.54 0.38
N1A GIQ C . -1.32 1.13 1.22
C GIQ C . -2.63 -2.05 0.33
C4A GIQ C . -0.13 -1.49 -0.94
C5A GIQ C . 1.07 -1.10 -1.33
C6A GIQ C . 1.65 0.12 -0.87
C10 GIQ C . 0.89 0.96 0.00
N6A GIQ C . 2.92 0.43 -1.26
C7A GIQ C . 3.45 1.53 -0.75
C8A GIQ C . 2.72 2.42 0.08
C9A GIQ C . 1.44 2.12 0.42
N10 GIQ C . -3.57 -0.02 1.82
C2A GIQ C . -2.29 0.24 1.27
H1 GIQ C . -3.20 -2.25 1.23
H2 GIQ C . -1.84 -2.82 0.23
H3 GIQ C . -3.23 -2.02 -0.54
H4A GIQ C . -0.54 -2.44 -1.27
H5A GIQ C . 1.61 -1.66 -2.02
H7A GIQ C . 4.46 1.77 -1.06
H8A GIQ C . 3.25 3.22 0.59
H9A GIQ C . 0.79 2.82 0.93
H101 GIQ C . -4.03 -0.83 1.42
N3A GIQ C . -1.92 -0.92 0.53
C3A GIQ C . -0.75 -0.71 -0.03
C1A GIQ C . -0.33 0.50 0.41
N1A GIQ C . -1.29 1.09 1.25
C GIQ C . -2.54 -2.13 0.40
C4A GIQ C . -0.04 -1.54 -0.87
C5A GIQ C . 1.16 -1.13 -1.26
C6A GIQ C . 1.71 0.10 -0.82
C10 GIQ C . 0.94 0.94 0.03
N6A GIQ C . 2.98 0.43 -1.20
C7A GIQ C . 3.47 1.54 -0.71
C8A GIQ C . 2.74 2.43 0.10
C9A GIQ C . 1.46 2.11 0.44
N10 GIQ C . -3.52 -0.09 1.85
C2A GIQ C . -2.25 0.18 1.29
H1 GIQ C . -3.14 -2.12 -0.48
H2 GIQ C . -3.10 -2.33 1.30
H3 GIQ C . -1.73 -2.88 0.30
H4A GIQ C . -0.43 -2.50 -1.19
H5A GIQ C . 1.71 -1.69 -1.95
H7A GIQ C . 4.49 1.80 -1.02
H8A GIQ C . 3.26 3.25 0.61
H9A GIQ C . 0.80 2.82 0.95
H101 GIQ C . -3.96 -0.91 1.46
#